data_3HXP
#
_entry.id   3HXP
#
_cell.length_a   71.453
_cell.length_b   126.955
_cell.length_c   38.610
_cell.angle_alpha   90.000
_cell.angle_beta   90.000
_cell.angle_gamma   90.000
#
_symmetry.space_group_name_H-M   'P 21 21 2'
#
loop_
_entity.id
_entity.type
_entity.pdbx_description
1 polymer 'Iron(3+)-hydroxamate-binding protein fhuD'
2 water water
#
_entity_poly.entity_id   1
_entity_poly.type   'polypeptide(L)'
_entity_poly.pdbx_seq_one_letter_code
;(MSE)GNNSESKGSASDSKGAETFTYKAENGNVKIPKHPKRVVV(MSE)ADGYYGYFKTLGINVVGAPENVFKNPYYKGK
TNGVENIGDGTSVEKVIDLNPDLIIVWTTQGADIKKLEKIAPTVAVKYDKLDNIEQLKEFAK(MSE)TGTEDKAEKWLAK
WDKKVAAAKTKIKKAVGDKTISI(MSE)QTNGKDIYVFGKDFGRGGSIIYKDLGLQATKLTKEKAIDQGPGYTSISLEKL
PDFAGDYIFAGPWQSGGDDGGVFESSIWKNLNAVKNGHVYK(MSE)DPIGFYFTDPISLEGQLEFITESLTKLEHHHHHH
;
_entity_poly.pdbx_strand_id   A
#
# COMPACT_ATOMS: atom_id res chain seq x y z
N TYR A 22 -10.80 -17.55 -15.53
CA TYR A 22 -11.96 -17.75 -14.62
C TYR A 22 -12.92 -16.57 -14.67
N LYS A 23 -13.67 -16.35 -13.60
CA LYS A 23 -14.63 -15.24 -13.49
C LYS A 23 -13.87 -13.91 -13.39
N ALA A 24 -14.52 -12.82 -13.76
CA ALA A 24 -13.86 -11.51 -13.69
C ALA A 24 -14.82 -10.37 -13.97
N GLU A 25 -14.40 -9.17 -13.57
CA GLU A 25 -15.21 -7.98 -13.78
C GLU A 25 -15.26 -7.66 -15.26
N ASN A 26 -14.38 -8.29 -16.03
CA ASN A 26 -14.35 -8.05 -17.47
C ASN A 26 -14.66 -9.33 -18.24
N GLY A 27 -15.79 -9.92 -17.92
CA GLY A 27 -16.18 -11.14 -18.58
C GLY A 27 -15.25 -12.27 -18.21
N ASN A 28 -15.82 -13.47 -18.11
CA ASN A 28 -15.08 -14.68 -17.75
C ASN A 28 -14.07 -15.06 -18.85
N VAL A 29 -12.81 -14.63 -18.72
CA VAL A 29 -11.77 -14.94 -19.71
C VAL A 29 -10.79 -15.99 -19.16
N LYS A 30 -11.20 -17.26 -19.27
CA LYS A 30 -10.44 -18.41 -18.80
C LYS A 30 -8.94 -18.18 -18.76
N ILE A 31 -8.38 -18.36 -17.59
CA ILE A 31 -6.96 -18.17 -17.38
C ILE A 31 -6.25 -19.50 -17.26
N PRO A 32 -4.99 -19.55 -17.74
CA PRO A 32 -4.18 -20.78 -17.68
C PRO A 32 -3.64 -21.10 -16.29
N LYS A 33 -4.27 -22.06 -15.60
CA LYS A 33 -3.81 -22.44 -14.26
C LYS A 33 -2.32 -22.78 -14.22
N HIS A 34 -1.64 -22.22 -13.23
CA HIS A 34 -0.21 -22.43 -13.08
C HIS A 34 0.52 -21.68 -14.21
N PRO A 35 0.30 -20.36 -14.34
CA PRO A 35 1.00 -19.64 -15.42
C PRO A 35 2.52 -19.67 -15.25
N LYS A 36 3.23 -19.00 -16.14
CA LYS A 36 4.70 -18.95 -16.09
C LYS A 36 5.25 -17.64 -16.66
N ARG A 37 4.36 -16.78 -17.13
CA ARG A 37 4.76 -15.48 -17.69
C ARG A 37 3.64 -14.43 -17.60
N VAL A 38 3.55 -13.76 -16.45
CA VAL A 38 2.53 -12.73 -16.19
C VAL A 38 3.04 -11.29 -16.27
N VAL A 39 2.19 -10.41 -16.77
CA VAL A 39 2.51 -8.99 -16.88
C VAL A 39 1.58 -8.24 -15.94
N VAL A 40 2.10 -7.92 -14.77
CA VAL A 40 1.34 -7.20 -13.76
C VAL A 40 1.31 -5.76 -14.16
N MSE A 41 0.23 -5.40 -14.85
CA MSE A 41 0.02 -4.05 -15.30
C MSE A 41 -0.30 -3.14 -14.15
O MSE A 41 -0.02 -1.93 -14.18
CB MSE A 41 -1.11 -4.03 -16.29
CG MSE A 41 -0.75 -4.68 -17.59
SE MSE A 41 -0.23 -3.34 -18.89
CE MSE A 41 1.29 -2.51 -17.97
N ALA A 42 -0.93 -3.70 -13.12
CA ALA A 42 -1.29 -2.95 -11.93
C ALA A 42 -0.06 -3.00 -11.00
N ASP A 43 0.67 -1.90 -10.92
CA ASP A 43 1.84 -1.84 -10.06
C ASP A 43 1.54 -2.43 -8.69
N GLY A 44 0.60 -1.79 -8.01
CA GLY A 44 0.19 -2.22 -6.68
C GLY A 44 0.18 -3.70 -6.38
N TYR A 45 -0.30 -4.52 -7.33
CA TYR A 45 -0.39 -5.97 -7.16
C TYR A 45 0.86 -6.78 -7.48
N TYR A 46 1.97 -6.12 -7.80
CA TYR A 46 3.18 -6.88 -8.10
C TYR A 46 3.68 -7.68 -6.91
N GLY A 47 3.81 -7.06 -5.74
CA GLY A 47 4.27 -7.76 -4.57
C GLY A 47 3.42 -8.97 -4.25
N TYR A 48 2.17 -8.98 -4.70
CA TYR A 48 1.29 -10.12 -4.44
C TYR A 48 1.71 -11.36 -5.20
N PHE A 49 2.20 -11.16 -6.43
CA PHE A 49 2.65 -12.26 -7.28
C PHE A 49 4.05 -12.73 -6.92
N LYS A 50 4.91 -11.78 -6.57
CA LYS A 50 6.27 -12.09 -6.17
C LYS A 50 6.24 -12.94 -4.90
N THR A 51 5.21 -12.74 -4.07
CA THR A 51 5.05 -13.49 -2.82
C THR A 51 4.47 -14.86 -3.11
N LEU A 52 3.38 -14.90 -3.88
CA LEU A 52 2.72 -16.17 -4.22
C LEU A 52 3.67 -17.14 -4.94
N GLY A 53 4.47 -16.63 -5.86
CA GLY A 53 5.40 -17.48 -6.57
C GLY A 53 5.27 -17.35 -8.07
N ILE A 54 4.20 -16.69 -8.52
CA ILE A 54 3.96 -16.47 -9.94
C ILE A 54 5.11 -15.68 -10.55
N ASN A 55 5.66 -16.16 -11.67
CA ASN A 55 6.76 -15.45 -12.32
C ASN A 55 6.23 -14.30 -13.18
N VAL A 56 6.57 -13.08 -12.76
CA VAL A 56 6.18 -11.83 -13.43
C VAL A 56 7.17 -11.60 -14.55
N VAL A 57 6.74 -10.94 -15.61
CA VAL A 57 7.69 -10.69 -16.69
C VAL A 57 7.80 -9.20 -16.98
N GLY A 58 6.94 -8.40 -16.35
CA GLY A 58 6.97 -6.96 -16.55
C GLY A 58 6.07 -6.17 -15.62
N ALA A 59 6.57 -5.07 -15.07
CA ALA A 59 5.74 -4.26 -14.21
C ALA A 59 6.06 -2.80 -14.47
N PRO A 60 5.09 -1.93 -14.23
CA PRO A 60 5.28 -0.49 -14.45
C PRO A 60 6.36 0.17 -13.62
N GLU A 61 6.63 1.42 -13.96
CA GLU A 61 7.63 2.25 -13.29
C GLU A 61 7.77 2.02 -11.79
N ASN A 62 6.90 2.68 -11.03
CA ASN A 62 6.91 2.61 -9.58
C ASN A 62 7.44 1.34 -8.97
N VAL A 63 7.07 0.20 -9.54
CA VAL A 63 7.51 -1.08 -9.03
C VAL A 63 9.02 -1.14 -8.73
N PHE A 64 9.78 -0.50 -9.60
CA PHE A 64 11.23 -0.48 -9.48
C PHE A 64 11.65 0.66 -8.55
N LYS A 65 10.73 1.58 -8.27
CA LYS A 65 11.00 2.72 -7.40
C LYS A 65 10.60 2.49 -5.95
N ASN A 66 9.94 1.37 -5.69
CA ASN A 66 9.52 1.04 -4.33
C ASN A 66 10.76 0.52 -3.63
N PRO A 67 11.08 1.03 -2.42
CA PRO A 67 12.28 0.52 -1.73
C PRO A 67 12.14 -0.96 -1.41
N TYR A 68 10.97 -1.33 -0.86
CA TYR A 68 10.69 -2.71 -0.49
C TYR A 68 10.79 -3.67 -1.67
N TYR A 69 10.64 -3.17 -2.89
CA TYR A 69 10.73 -4.00 -4.10
C TYR A 69 12.14 -4.03 -4.65
N LYS A 70 12.45 -3.08 -5.53
CA LYS A 70 13.79 -2.99 -6.14
C LYS A 70 14.82 -3.32 -5.06
N GLY A 71 14.65 -2.68 -3.90
CA GLY A 71 15.54 -2.87 -2.79
C GLY A 71 16.09 -4.27 -2.71
N LYS A 72 15.29 -5.25 -3.11
CA LYS A 72 15.73 -6.65 -3.04
C LYS A 72 15.03 -7.58 -4.02
N THR A 73 14.37 -7.05 -5.05
CA THR A 73 13.68 -7.93 -6.00
C THR A 73 13.42 -7.33 -7.35
N ASN A 74 13.82 -8.05 -8.39
CA ASN A 74 13.63 -7.61 -9.77
C ASN A 74 14.59 -8.41 -10.62
N GLY A 75 14.59 -9.72 -10.43
CA GLY A 75 15.46 -10.58 -11.21
C GLY A 75 15.29 -10.38 -12.71
N VAL A 76 14.17 -10.86 -13.26
CA VAL A 76 13.87 -10.79 -14.70
C VAL A 76 12.61 -10.05 -15.15
N GLU A 77 12.40 -8.81 -14.68
CA GLU A 77 11.23 -8.05 -15.08
C GLU A 77 11.55 -6.74 -15.78
N ASN A 78 10.79 -6.46 -16.83
CA ASN A 78 10.97 -5.24 -17.61
C ASN A 78 10.03 -4.14 -17.11
N ILE A 79 10.19 -2.94 -17.66
CA ILE A 79 9.41 -1.75 -17.30
C ILE A 79 8.36 -1.33 -18.31
N GLY A 80 7.99 -0.05 -18.24
CA GLY A 80 6.97 0.47 -19.11
C GLY A 80 5.88 1.01 -18.22
N ASP A 81 5.69 2.33 -18.23
CA ASP A 81 4.69 3.01 -17.40
C ASP A 81 3.28 2.41 -17.41
N GLY A 82 2.94 1.60 -18.41
CA GLY A 82 1.63 0.97 -18.48
C GLY A 82 0.75 1.40 -19.64
N THR A 83 1.38 1.95 -20.67
CA THR A 83 0.67 2.43 -21.87
C THR A 83 1.08 1.67 -23.15
N SER A 84 2.35 1.77 -23.54
CA SER A 84 2.86 1.08 -24.72
C SER A 84 2.36 -0.36 -24.83
N VAL A 85 1.25 -0.54 -25.55
CA VAL A 85 0.63 -1.86 -25.74
C VAL A 85 1.54 -2.79 -26.55
N GLU A 86 2.59 -2.23 -27.12
CA GLU A 86 3.56 -2.96 -27.93
C GLU A 86 4.62 -3.67 -27.10
N LYS A 87 5.10 -3.00 -26.05
CA LYS A 87 6.12 -3.55 -25.15
C LYS A 87 5.60 -4.75 -24.40
N VAL A 88 4.28 -4.79 -24.23
CA VAL A 88 3.61 -5.88 -23.51
C VAL A 88 3.64 -7.19 -24.27
N ILE A 89 3.56 -7.11 -25.59
CA ILE A 89 3.57 -8.30 -26.44
C ILE A 89 4.97 -8.87 -26.49
N ASP A 90 5.93 -8.01 -26.83
CA ASP A 90 7.33 -8.42 -26.93
C ASP A 90 7.79 -9.29 -25.75
N LEU A 91 7.15 -9.15 -24.60
CA LEU A 91 7.51 -9.94 -23.41
C LEU A 91 6.86 -11.31 -23.46
N ASN A 92 6.06 -11.50 -24.51
CA ASN A 92 5.36 -12.75 -24.77
C ASN A 92 4.78 -13.37 -23.50
N PRO A 93 3.85 -12.66 -22.83
CA PRO A 93 3.23 -13.15 -21.60
C PRO A 93 2.22 -14.23 -21.92
N ASP A 94 1.61 -14.80 -20.89
CA ASP A 94 0.58 -15.83 -21.05
C ASP A 94 -0.61 -15.42 -20.19
N LEU A 95 -0.44 -14.29 -19.50
CA LEU A 95 -1.45 -13.72 -18.62
C LEU A 95 -1.20 -12.22 -18.38
N ILE A 96 -2.24 -11.43 -18.63
CA ILE A 96 -2.21 -9.98 -18.49
C ILE A 96 -3.18 -9.55 -17.38
N ILE A 97 -2.67 -9.29 -16.19
CA ILE A 97 -3.54 -8.89 -15.10
C ILE A 97 -3.39 -7.37 -14.88
N VAL A 98 -4.48 -6.62 -15.12
CA VAL A 98 -4.44 -5.17 -14.98
C VAL A 98 -5.66 -4.60 -14.24
N TRP A 99 -5.52 -3.41 -13.67
CA TRP A 99 -6.63 -2.78 -12.94
C TRP A 99 -7.77 -2.44 -13.90
N THR A 100 -9.00 -2.42 -13.40
CA THR A 100 -10.13 -2.10 -14.29
C THR A 100 -10.02 -0.69 -14.79
N THR A 101 -9.60 0.22 -13.93
CA THR A 101 -9.50 1.61 -14.29
C THR A 101 -8.06 2.07 -14.47
N GLN A 102 -7.18 1.12 -14.79
CA GLN A 102 -5.74 1.37 -15.01
C GLN A 102 -5.55 2.49 -16.03
N GLY A 103 -6.24 2.38 -17.16
CA GLY A 103 -6.09 3.40 -18.17
C GLY A 103 -5.87 2.82 -19.54
N ALA A 104 -5.28 1.62 -19.61
CA ALA A 104 -5.04 0.99 -20.92
C ALA A 104 -6.33 0.33 -21.39
N ASP A 105 -6.54 0.30 -22.70
CA ASP A 105 -7.76 -0.29 -23.24
C ASP A 105 -7.80 -1.78 -22.89
N ILE A 106 -8.80 -2.16 -22.10
CA ILE A 106 -9.01 -3.53 -21.66
C ILE A 106 -9.26 -4.50 -22.82
N LYS A 107 -9.79 -4.01 -23.93
CA LYS A 107 -10.07 -4.87 -25.09
C LYS A 107 -8.79 -5.23 -25.84
N LYS A 108 -7.96 -4.21 -26.11
CA LYS A 108 -6.71 -4.39 -26.84
C LYS A 108 -5.74 -5.38 -26.19
N LEU A 109 -5.52 -5.24 -24.88
CA LEU A 109 -4.63 -6.16 -24.16
C LEU A 109 -5.15 -7.57 -24.27
N GLU A 110 -6.46 -7.74 -24.48
CA GLU A 110 -7.05 -9.07 -24.60
C GLU A 110 -6.50 -9.73 -25.86
N LYS A 111 -6.04 -8.88 -26.78
CA LYS A 111 -5.47 -9.31 -28.06
C LYS A 111 -4.01 -9.75 -27.91
N ILE A 112 -3.61 -10.06 -26.68
CA ILE A 112 -2.23 -10.48 -26.42
C ILE A 112 -2.21 -11.75 -25.55
N ALA A 113 -3.06 -11.78 -24.53
CA ALA A 113 -3.15 -12.92 -23.65
C ALA A 113 -4.35 -12.70 -22.73
N PRO A 114 -4.93 -13.79 -22.21
CA PRO A 114 -6.08 -13.63 -21.32
C PRO A 114 -5.86 -12.47 -20.36
N THR A 115 -6.70 -11.46 -20.49
CA THR A 115 -6.60 -10.26 -19.68
C THR A 115 -7.70 -10.22 -18.61
N VAL A 116 -7.28 -10.30 -17.35
CA VAL A 116 -8.15 -10.27 -16.18
C VAL A 116 -8.14 -8.91 -15.49
N ALA A 117 -9.26 -8.18 -15.60
CA ALA A 117 -9.38 -6.87 -15.00
C ALA A 117 -9.83 -7.00 -13.55
N VAL A 118 -9.14 -6.26 -12.68
CA VAL A 118 -9.47 -6.31 -11.27
C VAL A 118 -9.88 -4.96 -10.76
N LYS A 119 -11.08 -4.92 -10.20
CA LYS A 119 -11.63 -3.69 -9.64
C LYS A 119 -10.82 -3.25 -8.45
N TYR A 120 -10.44 -1.98 -8.47
CA TYR A 120 -9.67 -1.36 -7.42
C TYR A 120 -10.50 -1.39 -6.13
N ASP A 121 -9.82 -1.63 -5.01
CA ASP A 121 -10.46 -1.68 -3.71
C ASP A 121 -11.78 -2.47 -3.58
N LYS A 122 -12.13 -3.22 -4.62
CA LYS A 122 -13.34 -4.05 -4.58
C LYS A 122 -13.17 -4.97 -3.39
N LEU A 123 -12.07 -5.71 -3.42
CA LEU A 123 -11.77 -6.63 -2.34
C LEU A 123 -11.04 -5.87 -1.22
N ASP A 124 -10.56 -6.63 -0.24
CA ASP A 124 -9.85 -6.07 0.89
C ASP A 124 -8.41 -5.92 0.45
N ASN A 125 -7.52 -5.97 1.43
CA ASN A 125 -6.11 -5.82 1.23
C ASN A 125 -5.44 -7.17 1.46
N ILE A 126 -5.84 -7.81 2.55
CA ILE A 126 -5.32 -9.13 2.94
C ILE A 126 -6.08 -10.16 2.09
N GLU A 127 -7.39 -9.99 2.00
CA GLU A 127 -8.22 -10.92 1.25
C GLU A 127 -7.85 -10.87 -0.22
N GLN A 128 -7.45 -9.69 -0.68
CA GLN A 128 -7.05 -9.52 -2.07
C GLN A 128 -5.93 -10.48 -2.50
N LEU A 129 -5.07 -10.88 -1.56
CA LEU A 129 -4.00 -11.81 -1.87
C LEU A 129 -4.55 -13.21 -1.92
N LYS A 130 -5.62 -13.46 -1.16
CA LYS A 130 -6.23 -14.78 -1.13
C LYS A 130 -6.88 -15.04 -2.48
N GLU A 131 -7.45 -14.00 -3.08
CA GLU A 131 -8.09 -14.12 -4.37
C GLU A 131 -6.99 -14.48 -5.36
N PHE A 132 -5.93 -13.68 -5.42
CA PHE A 132 -4.83 -13.95 -6.34
C PHE A 132 -4.19 -15.29 -6.11
N ALA A 133 -4.69 -16.01 -5.11
CA ALA A 133 -4.16 -17.33 -4.83
C ALA A 133 -5.12 -18.35 -5.48
N LYS A 134 -6.42 -18.07 -5.39
CA LYS A 134 -7.46 -18.92 -5.97
C LYS A 134 -7.38 -18.81 -7.49
N MSE A 135 -7.27 -17.58 -7.97
CA MSE A 135 -7.19 -17.32 -9.39
C MSE A 135 -6.05 -18.11 -10.05
O MSE A 135 -6.18 -18.57 -11.18
CB MSE A 135 -6.97 -15.82 -9.63
CG MSE A 135 -6.69 -15.46 -11.07
SE MSE A 135 -5.61 -13.87 -11.24
CE MSE A 135 -6.99 -12.64 -11.79
N THR A 136 -4.94 -18.25 -9.34
CA THR A 136 -3.80 -19.00 -9.86
C THR A 136 -3.91 -20.48 -9.51
N GLY A 137 -3.39 -20.87 -8.36
CA GLY A 137 -3.45 -22.26 -7.96
C GLY A 137 -2.42 -22.60 -6.91
N THR A 138 -2.09 -21.61 -6.11
CA THR A 138 -1.11 -21.78 -5.05
C THR A 138 -1.64 -21.22 -3.75
N GLU A 139 -2.59 -21.93 -3.16
CA GLU A 139 -3.17 -21.50 -1.90
C GLU A 139 -2.24 -21.92 -0.77
N ASP A 140 -1.47 -22.97 -0.97
CA ASP A 140 -0.56 -23.46 0.05
C ASP A 140 0.61 -22.51 0.32
N LYS A 141 0.94 -21.69 -0.66
CA LYS A 141 2.04 -20.71 -0.54
C LYS A 141 1.47 -19.44 0.06
N ALA A 142 0.16 -19.24 -0.15
CA ALA A 142 -0.57 -18.09 0.33
C ALA A 142 -0.87 -18.22 1.82
N GLU A 143 -1.47 -19.34 2.20
CA GLU A 143 -1.81 -19.61 3.60
C GLU A 143 -0.52 -19.61 4.43
N LYS A 144 0.60 -19.91 3.77
CA LYS A 144 1.89 -19.95 4.45
C LYS A 144 2.30 -18.53 4.89
N TRP A 145 1.91 -17.53 4.11
CA TRP A 145 2.23 -16.12 4.41
C TRP A 145 1.35 -15.58 5.53
N LEU A 146 0.04 -15.79 5.40
CA LEU A 146 -0.94 -15.35 6.38
C LEU A 146 -0.56 -15.83 7.79
N ALA A 147 0.19 -16.93 7.85
CA ALA A 147 0.64 -17.49 9.11
C ALA A 147 1.73 -16.58 9.65
N LYS A 148 2.70 -16.28 8.80
CA LYS A 148 3.81 -15.43 9.20
C LYS A 148 3.29 -14.04 9.57
N TRP A 149 2.32 -13.54 8.83
CA TRP A 149 1.77 -12.22 9.11
C TRP A 149 1.06 -12.19 10.46
N ASP A 150 0.04 -13.03 10.59
CA ASP A 150 -0.74 -13.13 11.83
C ASP A 150 0.21 -13.27 13.02
N LYS A 151 1.40 -13.81 12.76
CA LYS A 151 2.43 -14.02 13.78
C LYS A 151 3.24 -12.76 14.13
N LYS A 152 3.68 -12.03 13.10
CA LYS A 152 4.47 -10.80 13.28
C LYS A 152 3.62 -9.80 14.06
N VAL A 153 2.36 -9.70 13.64
CA VAL A 153 1.37 -8.81 14.26
C VAL A 153 1.31 -9.02 15.77
N ALA A 154 1.25 -10.29 16.19
CA ALA A 154 1.21 -10.61 17.61
C ALA A 154 2.35 -9.89 18.30
N ALA A 155 3.58 -10.26 17.92
CA ALA A 155 4.77 -9.65 18.47
C ALA A 155 4.56 -8.13 18.48
N ALA A 156 4.51 -7.54 17.29
CA ALA A 156 4.33 -6.09 17.17
C ALA A 156 3.24 -5.52 18.07
N LYS A 157 1.99 -5.99 17.92
CA LYS A 157 0.86 -5.50 18.72
C LYS A 157 1.22 -5.35 20.22
N THR A 158 2.03 -6.28 20.72
CA THR A 158 2.47 -6.26 22.13
C THR A 158 3.57 -5.22 22.33
N LYS A 159 4.73 -5.53 21.77
CA LYS A 159 5.89 -4.68 21.84
C LYS A 159 5.46 -3.20 21.77
N ILE A 160 4.51 -2.92 20.88
CA ILE A 160 4.00 -1.56 20.67
C ILE A 160 3.20 -1.06 21.87
N LYS A 161 2.11 -1.75 22.18
CA LYS A 161 1.24 -1.41 23.30
C LYS A 161 2.00 -1.27 24.62
N LYS A 162 3.12 -2.00 24.73
CA LYS A 162 3.98 -2.02 25.92
C LYS A 162 5.03 -0.89 25.86
N ALA A 163 5.02 -0.18 24.74
CA ALA A 163 5.96 0.91 24.53
C ALA A 163 5.23 2.22 24.20
N VAL A 164 3.91 2.16 24.05
CA VAL A 164 3.13 3.36 23.73
C VAL A 164 1.82 3.46 24.50
N GLY A 165 1.53 2.41 25.29
CA GLY A 165 0.34 2.35 26.10
C GLY A 165 -0.93 2.45 25.27
N ASP A 166 -1.66 3.55 25.47
CA ASP A 166 -2.90 3.78 24.75
C ASP A 166 -2.94 5.17 24.15
N LYS A 167 -1.78 5.64 23.70
CA LYS A 167 -1.67 6.95 23.09
C LYS A 167 -2.39 7.01 21.74
N THR A 168 -2.28 8.14 21.07
CA THR A 168 -2.92 8.34 19.78
C THR A 168 -1.94 8.46 18.64
N ILE A 169 -2.06 7.57 17.67
CA ILE A 169 -1.18 7.55 16.53
C ILE A 169 -1.89 7.97 15.24
N SER A 170 -1.41 9.02 14.57
CA SER A 170 -2.05 9.44 13.32
C SER A 170 -1.08 9.43 12.13
N ILE A 171 -1.61 8.98 11.00
CA ILE A 171 -0.89 8.88 9.73
C ILE A 171 -1.40 10.03 8.87
N MSE A 172 -0.51 10.90 8.41
CA MSE A 172 -0.90 12.03 7.55
C MSE A 172 0.15 12.40 6.52
O MSE A 172 1.35 12.33 6.77
CB MSE A 172 -1.26 13.25 8.39
CG MSE A 172 -0.40 13.43 9.62
SE MSE A 172 -0.98 14.95 10.70
CE MSE A 172 -2.79 14.33 11.14
N GLN A 173 -0.32 12.82 5.35
CA GLN A 173 0.56 13.24 4.27
C GLN A 173 0.25 14.66 3.81
N THR A 174 1.25 15.38 3.31
CA THR A 174 1.04 16.76 2.86
C THR A 174 1.12 16.94 1.36
N ASN A 175 0.20 17.75 0.84
CA ASN A 175 0.13 18.08 -0.59
C ASN A 175 -0.22 19.55 -0.79
N GLY A 176 0.83 20.36 -0.91
CA GLY A 176 0.65 21.77 -1.09
C GLY A 176 0.27 22.36 0.25
N LYS A 177 -0.89 22.98 0.30
CA LYS A 177 -1.35 23.58 1.54
C LYS A 177 -2.34 22.63 2.20
N ASP A 178 -2.70 21.55 1.49
CA ASP A 178 -3.63 20.56 2.04
C ASP A 178 -2.89 19.38 2.66
N ILE A 179 -3.46 18.88 3.75
CA ILE A 179 -2.93 17.73 4.50
C ILE A 179 -4.00 16.64 4.56
N TYR A 180 -3.59 15.40 4.35
CA TYR A 180 -4.51 14.28 4.37
C TYR A 180 -4.27 13.39 5.59
N VAL A 181 -5.06 13.57 6.65
CA VAL A 181 -4.90 12.75 7.83
C VAL A 181 -5.66 11.45 7.60
N PHE A 182 -4.93 10.42 7.17
CA PHE A 182 -5.49 9.12 6.88
C PHE A 182 -6.01 8.36 8.10
N GLY A 183 -6.93 7.43 7.83
CA GLY A 183 -7.52 6.62 8.88
C GLY A 183 -7.11 5.17 8.71
N LYS A 184 -8.09 4.26 8.62
CA LYS A 184 -7.78 2.84 8.48
C LYS A 184 -7.99 2.28 7.09
N ASP A 185 -8.75 3.02 6.28
CA ASP A 185 -9.09 2.59 4.93
C ASP A 185 -8.60 3.45 3.77
N PHE A 186 -7.29 3.47 3.54
CA PHE A 186 -6.75 4.26 2.43
C PHE A 186 -5.26 4.04 2.22
N GLY A 187 -4.72 3.02 2.88
CA GLY A 187 -3.31 2.72 2.75
C GLY A 187 -2.45 3.53 3.69
N ARG A 188 -1.16 3.62 3.37
CA ARG A 188 -0.19 4.36 4.16
C ARG A 188 -0.03 3.68 5.52
N GLY A 189 0.06 2.35 5.51
CA GLY A 189 0.21 1.64 6.76
C GLY A 189 -1.00 1.76 7.67
N GLY A 190 -2.02 2.50 7.25
CA GLY A 190 -3.22 2.67 8.08
C GLY A 190 -3.95 1.38 8.45
N SER A 191 -3.79 0.36 7.62
CA SER A 191 -4.39 -0.95 7.84
C SER A 191 -3.58 -1.56 8.97
N ILE A 192 -2.30 -1.23 9.00
CA ILE A 192 -1.42 -1.75 10.00
C ILE A 192 -1.57 -1.06 11.33
N ILE A 193 -1.61 0.26 11.31
CA ILE A 193 -1.74 1.09 12.52
C ILE A 193 -3.04 0.88 13.27
N TYR A 194 -4.16 1.14 12.60
CA TYR A 194 -5.46 1.03 13.25
C TYR A 194 -6.13 -0.34 13.30
N LYS A 195 -5.95 -1.17 12.27
CA LYS A 195 -6.54 -2.51 12.34
C LYS A 195 -5.53 -3.51 12.97
N ASP A 196 -4.58 -4.03 12.19
CA ASP A 196 -3.60 -4.99 12.68
C ASP A 196 -2.92 -4.67 14.02
N LEU A 197 -2.91 -3.39 14.43
CA LEU A 197 -2.30 -2.96 15.71
C LEU A 197 -3.34 -2.47 16.72
N GLY A 198 -4.55 -2.21 16.22
CA GLY A 198 -5.62 -1.75 17.09
C GLY A 198 -5.31 -0.51 17.90
N LEU A 199 -4.45 0.35 17.38
CA LEU A 199 -4.08 1.58 18.07
C LEU A 199 -5.13 2.66 17.88
N GLN A 200 -5.28 3.52 18.90
CA GLN A 200 -6.26 4.61 18.84
C GLN A 200 -5.71 5.94 18.34
N ALA A 201 -6.56 6.62 17.58
CA ALA A 201 -6.25 7.92 17.01
C ALA A 201 -7.10 8.97 17.72
N THR A 202 -6.92 10.24 17.36
CA THR A 202 -7.67 11.32 17.97
C THR A 202 -9.16 11.12 17.75
N LYS A 203 -9.97 11.60 18.69
CA LYS A 203 -11.41 11.42 18.58
C LYS A 203 -11.94 12.01 17.29
N LEU A 204 -11.15 12.85 16.66
CA LEU A 204 -11.57 13.47 15.42
C LEU A 204 -11.12 12.67 14.18
N THR A 205 -9.90 12.12 14.23
CA THR A 205 -9.37 11.32 13.14
C THR A 205 -10.27 10.10 12.94
N LYS A 206 -10.76 9.57 14.05
CA LYS A 206 -11.64 8.40 14.04
C LYS A 206 -13.04 8.78 13.56
N GLU A 207 -13.48 9.92 14.06
CA GLU A 207 -14.80 10.46 13.76
C GLU A 207 -15.05 10.83 12.29
N LYS A 208 -13.99 11.19 11.56
CA LYS A 208 -14.12 11.60 10.15
C LYS A 208 -13.26 10.82 9.14
N ALA A 209 -12.25 10.13 9.62
CA ALA A 209 -11.37 9.41 8.72
C ALA A 209 -11.54 7.91 8.80
N ILE A 210 -12.26 7.46 9.82
CA ILE A 210 -12.49 6.03 10.01
C ILE A 210 -13.96 5.69 10.07
N ASP A 211 -14.63 6.14 11.12
CA ASP A 211 -16.05 5.88 11.28
C ASP A 211 -16.88 6.68 10.31
N GLN A 212 -16.40 6.87 9.07
CA GLN A 212 -17.15 7.65 8.10
C GLN A 212 -16.45 7.77 6.75
N GLY A 213 -15.51 8.71 6.67
CA GLY A 213 -14.76 8.96 5.44
C GLY A 213 -14.47 7.78 4.53
N PRO A 214 -14.12 8.04 3.27
CA PRO A 214 -13.80 6.99 2.29
C PRO A 214 -12.39 6.50 2.55
N GLY A 215 -11.78 7.01 3.63
CA GLY A 215 -10.43 6.62 4.01
C GLY A 215 -9.50 7.73 4.47
N TYR A 216 -9.78 8.97 4.09
CA TYR A 216 -8.95 10.13 4.44
C TYR A 216 -9.79 11.38 4.60
N THR A 217 -9.21 12.42 5.19
CA THR A 217 -9.90 13.67 5.40
C THR A 217 -8.96 14.82 5.10
N SER A 218 -9.25 15.55 4.04
CA SER A 218 -8.41 16.68 3.66
C SER A 218 -8.57 17.79 4.69
N ILE A 219 -7.52 18.57 4.92
CA ILE A 219 -7.56 19.65 5.88
C ILE A 219 -6.78 20.89 5.43
N SER A 220 -6.26 21.61 6.42
CA SER A 220 -5.47 22.81 6.20
C SER A 220 -4.59 23.03 7.44
N LEU A 221 -3.75 24.05 7.40
CA LEU A 221 -2.86 24.35 8.52
C LEU A 221 -3.67 24.70 9.77
N GLU A 222 -4.89 25.18 9.56
CA GLU A 222 -5.76 25.53 10.67
C GLU A 222 -6.19 24.27 11.41
N LYS A 223 -6.89 23.40 10.70
CA LYS A 223 -7.34 22.18 11.33
C LYS A 223 -6.19 21.18 11.45
N LEU A 224 -5.36 21.32 12.47
CA LEU A 224 -4.24 20.40 12.68
C LEU A 224 -4.14 19.97 14.14
N PRO A 225 -4.19 20.93 15.07
CA PRO A 225 -4.11 20.60 16.49
C PRO A 225 -5.37 19.85 16.93
N ASP A 226 -6.11 19.35 15.94
CA ASP A 226 -7.35 18.62 16.14
C ASP A 226 -7.12 17.14 15.91
N PHE A 227 -6.17 16.87 15.01
CA PHE A 227 -5.76 15.53 14.56
C PHE A 227 -4.41 15.02 15.12
N ALA A 228 -3.38 15.85 15.02
CA ALA A 228 -2.04 15.51 15.49
C ALA A 228 -2.06 14.79 16.83
N GLY A 229 -1.94 13.47 16.80
CA GLY A 229 -1.93 12.70 18.03
C GLY A 229 -0.63 12.79 18.81
N ASP A 230 -0.39 11.84 19.71
CA ASP A 230 0.84 11.82 20.50
C ASP A 230 2.05 11.48 19.62
N TYR A 231 1.80 10.73 18.54
CA TYR A 231 2.84 10.33 17.57
C TYR A 231 2.35 10.56 16.15
N ILE A 232 3.26 10.95 15.25
CA ILE A 232 2.91 11.22 13.85
C ILE A 232 3.76 10.50 12.80
N PHE A 233 3.09 9.96 11.80
CA PHE A 233 3.75 9.29 10.69
C PHE A 233 3.60 10.19 9.47
N ALA A 234 4.20 11.37 9.53
CA ALA A 234 4.09 12.33 8.46
C ALA A 234 4.98 12.00 7.28
N GLY A 235 4.72 12.69 6.17
CA GLY A 235 5.48 12.50 4.94
C GLY A 235 4.85 13.20 3.74
N PRO A 236 5.63 13.56 2.71
CA PRO A 236 5.05 14.22 1.53
C PRO A 236 4.08 13.31 0.77
N TRP A 237 3.27 13.89 -0.12
CA TRP A 237 2.30 13.12 -0.92
C TRP A 237 2.99 12.32 -2.02
N GLN A 238 3.88 12.98 -2.75
CA GLN A 238 4.61 12.32 -3.81
C GLN A 238 6.08 12.66 -3.65
N SER A 239 6.93 11.73 -4.02
CA SER A 239 8.37 11.90 -3.92
C SER A 239 8.86 13.03 -4.80
N GLY A 240 9.87 13.75 -4.32
CA GLY A 240 10.47 14.86 -5.05
C GLY A 240 9.61 16.10 -5.27
N GLY A 241 9.77 17.10 -4.40
CA GLY A 241 8.98 18.32 -4.56
C GLY A 241 8.80 19.13 -3.28
N ASP A 242 8.16 20.29 -3.41
CA ASP A 242 7.93 21.16 -2.26
C ASP A 242 6.96 20.50 -1.31
N ASP A 243 7.36 20.50 -0.03
CA ASP A 243 6.55 19.93 1.05
C ASP A 243 5.27 20.75 1.37
N GLY A 244 5.13 21.88 0.66
CA GLY A 244 3.98 22.77 0.85
C GLY A 244 4.26 23.88 1.83
N GLY A 245 5.20 23.63 2.75
CA GLY A 245 5.57 24.59 3.77
C GLY A 245 4.96 24.24 5.11
N VAL A 246 4.21 23.14 5.15
CA VAL A 246 3.55 22.69 6.37
C VAL A 246 4.54 22.12 7.39
N PHE A 247 5.37 21.16 6.97
CA PHE A 247 6.37 20.55 7.83
C PHE A 247 7.39 21.57 8.23
N GLU A 248 7.33 22.72 7.56
CA GLU A 248 8.26 23.82 7.83
C GLU A 248 7.49 25.04 8.32
N SER A 249 6.26 24.81 8.77
CA SER A 249 5.38 25.88 9.26
C SER A 249 5.62 26.26 10.72
N SER A 250 4.77 27.15 11.20
CA SER A 250 4.85 27.64 12.58
C SER A 250 3.91 26.86 13.50
N ILE A 251 2.82 26.36 12.94
CA ILE A 251 1.85 25.60 13.73
C ILE A 251 2.30 24.15 13.86
N TRP A 252 2.96 23.63 12.83
CA TRP A 252 3.41 22.25 12.87
C TRP A 252 4.46 21.99 13.91
N LYS A 253 5.39 22.93 14.05
CA LYS A 253 6.43 22.77 15.05
C LYS A 253 5.96 23.23 16.42
N ASN A 254 4.71 23.72 16.48
CA ASN A 254 4.08 24.19 17.72
C ASN A 254 3.41 23.01 18.43
N LEU A 255 3.05 21.99 17.66
CA LEU A 255 2.42 20.80 18.19
C LEU A 255 3.28 20.06 19.21
N ASN A 256 2.62 19.28 20.06
CA ASN A 256 3.27 18.53 21.11
C ASN A 256 3.93 17.25 20.61
N ALA A 257 3.29 16.63 19.64
CA ALA A 257 3.80 15.40 19.05
C ALA A 257 5.12 15.67 18.34
N VAL A 258 5.26 16.86 17.75
CA VAL A 258 6.49 17.17 17.04
C VAL A 258 7.62 17.43 18.02
N LYS A 259 7.29 18.17 19.09
CA LYS A 259 8.23 18.54 20.14
C LYS A 259 8.91 17.31 20.77
N ASN A 260 8.12 16.43 21.37
CA ASN A 260 8.64 15.23 22.01
C ASN A 260 9.45 14.37 21.05
N GLY A 261 9.35 14.67 19.76
CA GLY A 261 10.09 13.91 18.76
C GLY A 261 9.36 12.66 18.31
N HIS A 262 8.03 12.70 18.38
CA HIS A 262 7.19 11.58 17.99
C HIS A 262 6.67 11.76 16.57
N VAL A 263 7.57 12.09 15.64
CA VAL A 263 7.24 12.28 14.23
C VAL A 263 8.26 11.46 13.45
N TYR A 264 7.78 10.63 12.53
CA TYR A 264 8.67 9.78 11.73
C TYR A 264 8.35 9.93 10.25
N LYS A 265 9.28 10.48 9.49
CA LYS A 265 9.06 10.68 8.07
C LYS A 265 8.56 9.39 7.45
N MSE A 266 7.99 9.47 6.26
CA MSE A 266 7.44 8.30 5.62
C MSE A 266 7.72 8.37 4.12
O MSE A 266 7.33 9.34 3.46
CB MSE A 266 5.94 8.27 5.92
CG MSE A 266 5.17 7.03 5.50
SE MSE A 266 3.23 7.15 5.94
CE MSE A 266 3.16 5.94 7.45
N ASP A 267 8.40 7.37 3.60
CA ASP A 267 8.71 7.33 2.17
C ASP A 267 7.45 6.99 1.40
N PRO A 268 6.91 7.97 0.65
CA PRO A 268 5.70 7.84 -0.15
C PRO A 268 5.67 6.69 -1.16
N ILE A 269 6.79 6.54 -1.90
CA ILE A 269 6.98 5.50 -2.92
C ILE A 269 6.93 4.12 -2.26
N GLY A 270 7.41 4.06 -1.03
CA GLY A 270 7.39 2.81 -0.29
C GLY A 270 6.05 2.60 0.37
N PHE A 271 5.47 3.67 0.92
CA PHE A 271 4.19 3.56 1.61
C PHE A 271 2.94 3.63 0.75
N TYR A 272 3.13 3.58 -0.57
CA TYR A 272 2.01 3.61 -1.52
C TYR A 272 1.45 2.23 -1.83
N PHE A 273 2.26 1.18 -1.63
CA PHE A 273 1.81 -0.18 -1.89
C PHE A 273 1.20 -0.80 -0.67
N THR A 274 0.58 -1.94 -0.87
CA THR A 274 -0.05 -2.62 0.22
C THR A 274 0.10 -4.11 0.08
N ASP A 275 0.92 -4.53 -0.89
CA ASP A 275 1.16 -5.95 -1.11
C ASP A 275 1.91 -6.53 0.09
N PRO A 276 2.00 -7.86 0.15
CA PRO A 276 2.68 -8.55 1.25
C PRO A 276 4.09 -8.06 1.56
N ILE A 277 4.99 -8.20 0.59
CA ILE A 277 6.37 -7.81 0.76
C ILE A 277 6.53 -6.40 1.28
N SER A 278 5.66 -5.53 0.79
CA SER A 278 5.66 -4.10 1.16
C SER A 278 5.07 -3.85 2.53
N LEU A 279 4.15 -4.72 2.96
CA LEU A 279 3.52 -4.58 4.26
C LEU A 279 4.51 -4.92 5.37
N GLU A 280 5.22 -6.04 5.19
CA GLU A 280 6.21 -6.52 6.16
C GLU A 280 7.21 -5.42 6.44
N GLY A 281 7.66 -4.76 5.38
CA GLY A 281 8.58 -3.66 5.56
C GLY A 281 7.81 -2.53 6.22
N GLN A 282 6.55 -2.35 5.83
CA GLN A 282 5.73 -1.28 6.42
C GLN A 282 5.56 -1.44 7.92
N LEU A 283 5.01 -2.57 8.36
CA LEU A 283 4.80 -2.82 9.79
C LEU A 283 6.11 -2.76 10.56
N GLU A 284 7.16 -3.28 9.95
CA GLU A 284 8.47 -3.30 10.57
C GLU A 284 8.98 -1.89 10.88
N PHE A 285 8.70 -0.98 9.97
CA PHE A 285 9.09 0.41 10.12
C PHE A 285 8.29 0.99 11.27
N ILE A 286 6.98 0.72 11.27
CA ILE A 286 6.11 1.22 12.32
C ILE A 286 6.64 0.74 13.65
N THR A 287 6.97 -0.53 13.73
CA THR A 287 7.48 -1.08 14.98
C THR A 287 8.72 -0.39 15.52
N GLU A 288 9.80 -0.31 14.76
CA GLU A 288 10.99 0.35 15.30
C GLU A 288 10.73 1.83 15.54
N SER A 289 9.81 2.41 14.79
CA SER A 289 9.50 3.84 14.94
C SER A 289 8.67 4.14 16.17
N LEU A 290 8.41 3.12 16.98
CA LEU A 290 7.60 3.22 18.19
C LEU A 290 8.13 2.35 19.34
N THR A 291 9.33 1.81 19.19
CA THR A 291 9.91 0.95 20.23
C THR A 291 11.29 1.44 20.66
N LYS A 292 11.89 2.32 19.86
CA LYS A 292 13.21 2.86 20.18
C LYS A 292 13.12 3.71 21.45
N LEU A 293 14.27 3.93 22.07
CA LEU A 293 14.36 4.73 23.29
C LEU A 293 15.12 6.02 22.98
#